data_4PO2
#
_entry.id   4PO2
#
_cell.length_a   100.293
_cell.length_b   85.282
_cell.length_c   72.199
_cell.angle_alpha   90.00
_cell.angle_beta   126.97
_cell.angle_gamma   90.00
#
_symmetry.space_group_name_H-M   'C 1 2 1'
#
loop_
_entity.id
_entity.type
_entity.pdbx_description
1 polymer 'Heat shock 70 kDa protein 1A/1B'
2 polymer 'HSP70 substrate peptide'
3 non-polymer 'SULFATE ION'
4 non-polymer 'PHOSPHATE ION'
5 water water
#
loop_
_entity_poly.entity_id
_entity_poly.type
_entity_poly.pdbx_seq_one_letter_code
_entity_poly.pdbx_strand_id
1 'polypeptide(L)'
;MHHHHHHENVQDLLLLDVAPLSLGLETAGGVMTALIKRNSTIPTKQTQIFTTYSDNQPGVLIQVYEGERAMTKDNNLLGR
FELSGIPPAPRGVPQIEVTFDIDANGILNVTATDKSTGKANKITITNDKGRLSKEEIERMVQEAEKYKAEDEVQRERVSA
KNALESYAFNMKSAVEDEGLKGKISEADKKKVLDKCQEVISWLDANTLAEKDEFEHKRKELEQVCNPIISGLYQG
;
A,B
2 'polypeptide(L)' NRLLLTG C,D
#
loop_
_chem_comp.id
_chem_comp.type
_chem_comp.name
_chem_comp.formula
PO4 non-polymer 'PHOSPHATE ION' 'O4 P -3'
SO4 non-polymer 'SULFATE ION' 'O4 S -2'
#
# COMPACT_ATOMS: atom_id res chain seq x y z
N GLU A 8 -30.22 -12.97 -14.07
CA GLU A 8 -30.17 -11.66 -13.42
C GLU A 8 -28.74 -11.11 -13.41
N ASN A 9 -27.82 -11.92 -12.89
CA ASN A 9 -26.42 -11.52 -12.77
C ASN A 9 -25.49 -12.36 -13.64
N VAL A 10 -25.96 -13.53 -14.07
CA VAL A 10 -25.19 -14.38 -14.98
C VAL A 10 -25.62 -14.15 -16.44
N GLN A 11 -26.85 -13.68 -16.62
CA GLN A 11 -27.35 -13.35 -17.95
C GLN A 11 -26.75 -12.03 -18.42
N ASP A 12 -26.16 -11.29 -17.50
CA ASP A 12 -25.43 -10.06 -17.81
C ASP A 12 -24.08 -10.38 -18.44
N LEU A 13 -23.55 -11.56 -18.13
CA LEU A 13 -22.25 -12.00 -18.65
C LEU A 13 -22.25 -12.07 -20.18
N LEU A 14 -23.43 -12.25 -20.76
CA LEU A 14 -23.56 -12.43 -22.20
C LEU A 14 -24.09 -11.15 -22.85
N LEU A 15 -24.69 -10.28 -22.05
CA LEU A 15 -25.30 -9.06 -22.55
C LEU A 15 -24.37 -7.86 -22.52
N LEU A 16 -23.50 -7.82 -21.51
CA LEU A 16 -22.53 -6.74 -21.39
C LEU A 16 -21.36 -6.95 -22.35
N ASP A 17 -21.04 -5.92 -23.13
CA ASP A 17 -19.86 -5.94 -23.97
C ASP A 17 -18.62 -5.84 -23.08
N VAL A 18 -17.45 -6.10 -23.65
CA VAL A 18 -16.22 -6.06 -22.86
C VAL A 18 -15.18 -5.16 -23.52
N ALA A 19 -14.15 -4.81 -22.74
CA ALA A 19 -13.02 -4.05 -23.26
C ALA A 19 -12.00 -5.01 -23.86
N PRO A 20 -11.79 -4.92 -25.18
CA PRO A 20 -10.90 -5.84 -25.91
C PRO A 20 -9.44 -5.66 -25.50
N LEU A 21 -9.08 -4.47 -25.03
CA LEU A 21 -7.71 -4.20 -24.61
C LEU A 21 -7.68 -3.42 -23.30
N SER A 22 -6.64 -3.63 -22.51
CA SER A 22 -6.43 -2.86 -21.30
C SER A 22 -6.21 -1.39 -21.63
N LEU A 23 -6.76 -0.51 -20.80
CA LEU A 23 -6.62 0.92 -21.01
C LEU A 23 -5.99 1.54 -19.77
N GLY A 24 -5.06 2.46 -19.97
CA GLY A 24 -4.40 3.08 -18.85
C GLY A 24 -3.60 4.31 -19.23
N LEU A 25 -2.67 4.69 -18.37
CA LEU A 25 -1.85 5.85 -18.64
C LEU A 25 -0.38 5.62 -18.27
N GLU A 26 0.50 6.46 -18.80
CA GLU A 26 1.92 6.34 -18.51
C GLU A 26 2.26 6.89 -17.13
N THR A 27 2.88 6.06 -16.30
CA THR A 27 3.44 6.51 -15.03
C THR A 27 4.97 6.52 -15.11
N ALA A 28 5.59 7.16 -14.13
CA ALA A 28 7.03 7.43 -14.12
C ALA A 28 7.89 6.20 -14.46
N GLY A 29 8.80 6.38 -15.42
CA GLY A 29 9.63 5.28 -15.88
C GLY A 29 9.13 4.72 -17.20
N GLY A 30 8.03 5.31 -17.70
CA GLY A 30 7.45 4.85 -18.95
C GLY A 30 6.61 3.60 -18.76
N VAL A 31 6.03 3.45 -17.56
CA VAL A 31 5.25 2.26 -17.25
C VAL A 31 3.79 2.37 -17.66
N MET A 32 3.26 1.32 -18.28
CA MET A 32 1.83 1.25 -18.57
C MET A 32 1.05 0.90 -17.31
N THR A 33 0.32 1.87 -16.77
CA THR A 33 -0.51 1.62 -15.59
C THR A 33 -1.96 1.56 -16.01
N ALA A 34 -2.51 0.34 -16.00
CA ALA A 34 -3.85 0.10 -16.50
C ALA A 34 -4.91 0.42 -15.45
N LEU A 35 -5.93 1.16 -15.85
CA LEU A 35 -7.06 1.44 -14.97
C LEU A 35 -8.25 0.55 -15.32
N ILE A 36 -8.36 0.15 -16.59
CA ILE A 36 -9.36 -0.81 -17.01
C ILE A 36 -8.67 -2.01 -17.65
N LYS A 37 -8.85 -3.17 -17.04
CA LYS A 37 -8.18 -4.39 -17.49
C LYS A 37 -8.90 -4.94 -18.72
N ARG A 38 -8.12 -5.57 -19.61
CA ARG A 38 -8.68 -6.32 -20.74
C ARG A 38 -9.80 -7.25 -20.27
N ASN A 39 -10.86 -7.35 -21.06
CA ASN A 39 -12.01 -8.20 -20.76
C ASN A 39 -12.88 -7.73 -19.59
N SER A 40 -12.65 -6.51 -19.10
CA SER A 40 -13.57 -5.92 -18.15
C SER A 40 -14.89 -5.62 -18.87
N THR A 41 -16.01 -5.81 -18.19
CA THR A 41 -17.32 -5.51 -18.77
C THR A 41 -17.50 -4.00 -18.93
N ILE A 42 -18.20 -3.60 -19.98
CA ILE A 42 -18.56 -2.19 -20.17
C ILE A 42 -20.09 -2.08 -20.27
N PRO A 43 -20.66 -0.92 -19.88
CA PRO A 43 -20.03 0.31 -19.42
C PRO A 43 -19.35 0.16 -18.06
N THR A 44 -18.32 0.95 -17.82
CA THR A 44 -17.57 0.87 -16.57
C THR A 44 -16.87 2.17 -16.23
N LYS A 45 -16.49 2.33 -14.97
CA LYS A 45 -15.72 3.48 -14.53
C LYS A 45 -14.70 3.04 -13.50
N GLN A 46 -13.43 3.41 -13.73
CA GLN A 46 -12.39 3.09 -12.77
C GLN A 46 -11.60 4.34 -12.43
N THR A 47 -11.30 4.51 -11.14
CA THR A 47 -10.61 5.71 -10.68
C THR A 47 -9.38 5.32 -9.85
N GLN A 48 -8.28 6.05 -10.06
CA GLN A 48 -7.08 5.84 -9.27
C GLN A 48 -6.45 7.21 -9.00
N ILE A 49 -5.83 7.35 -7.83
CA ILE A 49 -5.23 8.64 -7.46
C ILE A 49 -3.72 8.63 -7.61
N PHE A 50 -3.19 9.66 -8.25
CA PHE A 50 -1.77 9.75 -8.56
C PHE A 50 -1.16 11.00 -7.95
N THR A 51 0.16 11.11 -8.01
CA THR A 51 0.84 12.29 -7.50
C THR A 51 1.96 12.74 -8.42
N THR A 52 2.65 13.80 -8.01
CA THR A 52 3.68 14.42 -8.86
C THR A 52 5.02 13.71 -8.75
N TYR A 53 5.79 13.74 -9.83
CA TYR A 53 7.09 13.09 -9.87
C TYR A 53 8.21 13.99 -9.34
N SER A 54 8.10 15.30 -9.58
CA SER A 54 9.14 16.24 -9.17
C SER A 54 8.64 17.36 -8.27
N ASP A 55 9.55 17.97 -7.52
CA ASP A 55 9.22 19.07 -6.63
C ASP A 55 8.69 20.26 -7.42
N ASN A 56 7.64 20.89 -6.92
CA ASN A 56 7.08 22.09 -7.55
C ASN A 56 6.59 21.87 -8.98
N GLN A 57 6.21 20.63 -9.29
CA GLN A 57 5.67 20.29 -10.60
C GLN A 57 4.35 21.03 -10.80
N PRO A 58 4.29 21.88 -11.85
CA PRO A 58 3.14 22.77 -12.07
C PRO A 58 1.94 22.06 -12.69
N GLY A 59 2.16 20.90 -13.27
CA GLY A 59 1.07 20.13 -13.84
C GLY A 59 1.43 18.67 -14.09
N VAL A 60 0.45 17.88 -14.50
CA VAL A 60 0.73 16.50 -14.91
C VAL A 60 0.33 16.26 -16.37
N LEU A 61 1.15 15.48 -17.06
CA LEU A 61 0.82 15.08 -18.42
C LEU A 61 0.18 13.70 -18.44
N ILE A 62 -1.10 13.68 -18.78
CA ILE A 62 -1.87 12.45 -18.89
C ILE A 62 -1.69 11.88 -20.30
N GLN A 63 -1.00 10.74 -20.36
CA GLN A 63 -0.73 10.05 -21.62
C GLN A 63 -1.47 8.72 -21.65
N VAL A 64 -2.53 8.68 -22.44
CA VAL A 64 -3.44 7.55 -22.49
C VAL A 64 -2.97 6.47 -23.46
N TYR A 65 -2.78 5.28 -22.93
CA TYR A 65 -2.31 4.14 -23.73
C TYR A 65 -3.27 2.96 -23.67
N GLU A 66 -3.19 2.15 -24.72
CA GLU A 66 -3.98 0.94 -24.83
C GLU A 66 -3.07 -0.23 -25.20
N GLY A 67 -3.28 -1.36 -24.55
CA GLY A 67 -2.47 -2.54 -24.80
C GLY A 67 -2.15 -3.33 -23.55
N GLU A 68 -1.48 -4.47 -23.72
CA GLU A 68 -1.28 -5.39 -22.62
C GLU A 68 0.17 -5.46 -22.14
N ARG A 69 1.05 -4.76 -22.84
CA ARG A 69 2.48 -4.80 -22.50
C ARG A 69 2.82 -3.88 -21.32
N ALA A 70 3.96 -4.13 -20.69
CA ALA A 70 4.33 -3.42 -19.46
C ALA A 70 4.76 -1.98 -19.67
N MET A 71 5.40 -1.70 -20.79
CA MET A 71 5.90 -0.36 -21.08
C MET A 71 5.03 0.31 -22.14
N THR A 72 4.82 1.62 -21.99
CA THR A 72 3.93 2.36 -22.89
C THR A 72 4.45 2.43 -24.32
N LYS A 73 5.77 2.43 -24.49
CA LYS A 73 6.39 2.46 -25.81
C LYS A 73 6.01 1.22 -26.63
N ASP A 74 5.63 0.15 -25.94
CA ASP A 74 5.26 -1.10 -26.61
C ASP A 74 3.76 -1.25 -26.74
N ASN A 75 3.03 -0.20 -26.35
CA ASN A 75 1.58 -0.16 -26.49
C ASN A 75 1.16 0.94 -27.47
N ASN A 76 -0.15 1.14 -27.62
N ASN A 76 -0.14 1.15 -27.60
CA ASN A 76 -0.67 2.13 -28.54
CA ASN A 76 -0.66 2.13 -28.55
C ASN A 76 -1.08 3.43 -27.84
C ASN A 76 -1.13 3.43 -27.89
N LEU A 77 -0.51 4.54 -28.30
CA LEU A 77 -0.87 5.87 -27.78
C LEU A 77 -2.24 6.31 -28.30
N LEU A 78 -3.13 6.64 -27.38
CA LEU A 78 -4.48 7.05 -27.75
C LEU A 78 -4.67 8.56 -27.76
N GLY A 79 -3.95 9.24 -26.87
CA GLY A 79 -4.04 10.69 -26.75
C GLY A 79 -3.31 11.24 -25.55
N ARG A 80 -3.19 12.56 -25.50
CA ARG A 80 -2.51 13.24 -24.41
C ARG A 80 -3.25 14.50 -24.02
N PHE A 81 -3.28 14.79 -22.73
CA PHE A 81 -3.73 16.11 -22.27
C PHE A 81 -3.03 16.49 -20.98
N GLU A 82 -2.91 17.79 -20.70
CA GLU A 82 -2.25 18.24 -19.49
CA GLU A 82 -2.25 18.23 -19.49
C GLU A 82 -3.25 18.77 -18.48
N LEU A 83 -3.00 18.50 -17.21
CA LEU A 83 -3.77 19.13 -16.14
C LEU A 83 -2.81 20.09 -15.46
N SER A 84 -3.09 21.39 -15.59
CA SER A 84 -2.18 22.41 -15.10
C SER A 84 -2.70 23.07 -13.84
N GLY A 85 -1.96 24.04 -13.32
CA GLY A 85 -2.39 24.79 -12.16
C GLY A 85 -2.11 24.15 -10.83
N ILE A 86 -1.24 23.15 -10.80
CA ILE A 86 -0.89 22.50 -9.53
C ILE A 86 -0.04 23.43 -8.67
N PRO A 87 -0.46 23.62 -7.41
CA PRO A 87 0.28 24.50 -6.49
C PRO A 87 1.66 23.93 -6.19
N PRO A 88 2.64 24.82 -5.94
CA PRO A 88 4.02 24.36 -5.66
C PRO A 88 4.05 23.49 -4.42
N ALA A 89 4.56 22.27 -4.55
CA ALA A 89 4.60 21.34 -3.45
C ALA A 89 5.66 20.28 -3.73
N PRO A 90 6.20 19.67 -2.66
CA PRO A 90 7.17 18.59 -2.84
C PRO A 90 6.56 17.42 -3.61
N ARG A 91 7.41 16.67 -4.31
CA ARG A 91 6.99 15.44 -4.97
C ARG A 91 6.19 14.56 -4.01
N GLY A 92 5.09 13.99 -4.49
CA GLY A 92 4.28 13.11 -3.68
C GLY A 92 3.20 13.78 -2.85
N VAL A 93 3.17 15.11 -2.85
CA VAL A 93 2.16 15.85 -2.10
C VAL A 93 0.82 16.08 -2.84
N PRO A 94 0.85 16.64 -4.07
CA PRO A 94 -0.42 16.84 -4.76
C PRO A 94 -1.15 15.53 -5.03
N GLN A 95 -2.47 15.54 -4.96
CA GLN A 95 -3.24 14.35 -5.25
C GLN A 95 -4.08 14.59 -6.49
N ILE A 96 -3.86 13.77 -7.51
CA ILE A 96 -4.57 13.94 -8.78
C ILE A 96 -5.43 12.71 -9.06
N GLU A 97 -6.74 12.94 -9.09
CA GLU A 97 -7.70 11.87 -9.31
C GLU A 97 -7.89 11.62 -10.81
N VAL A 98 -7.54 10.42 -11.26
CA VAL A 98 -7.67 10.07 -12.66
C VAL A 98 -8.75 9.01 -12.85
N THR A 99 -9.68 9.30 -13.76
CA THR A 99 -10.83 8.43 -13.98
C THR A 99 -10.95 8.02 -15.45
N PHE A 100 -11.07 6.72 -15.67
CA PHE A 100 -11.34 6.16 -16.99
C PHE A 100 -12.79 5.69 -17.05
N ASP A 101 -13.56 6.25 -17.99
CA ASP A 101 -14.99 5.99 -18.09
C ASP A 101 -15.32 5.47 -19.48
N ILE A 102 -15.86 4.26 -19.57
CA ILE A 102 -16.33 3.74 -20.86
C ILE A 102 -17.84 3.57 -20.85
N ASP A 103 -18.51 4.19 -21.82
CA ASP A 103 -19.97 4.11 -21.90
C ASP A 103 -20.41 2.85 -22.65
N ALA A 104 -21.70 2.71 -22.89
CA ALA A 104 -22.24 1.50 -23.53
C ALA A 104 -21.83 1.37 -25.00
N ASN A 105 -21.39 2.48 -25.59
CA ASN A 105 -20.96 2.47 -26.98
C ASN A 105 -19.45 2.35 -27.13
N GLY A 106 -18.78 2.05 -26.03
CA GLY A 106 -17.34 1.83 -26.05
C GLY A 106 -16.53 3.11 -26.10
N ILE A 107 -17.19 4.24 -25.92
CA ILE A 107 -16.50 5.53 -25.93
C ILE A 107 -15.82 5.80 -24.59
N LEU A 108 -14.53 6.16 -24.66
CA LEU A 108 -13.73 6.39 -23.46
C LEU A 108 -13.57 7.87 -23.15
N ASN A 109 -13.87 8.26 -21.92
CA ASN A 109 -13.54 9.57 -21.42
C ASN A 109 -12.55 9.45 -20.28
N VAL A 110 -11.40 10.11 -20.41
CA VAL A 110 -10.40 10.10 -19.36
C VAL A 110 -10.33 11.49 -18.74
N THR A 111 -10.54 11.55 -17.43
CA THR A 111 -10.58 12.83 -16.73
C THR A 111 -9.50 12.87 -15.65
N ALA A 112 -8.84 14.02 -15.51
CA ALA A 112 -7.89 14.24 -14.42
C ALA A 112 -8.36 15.45 -13.63
N THR A 113 -8.38 15.29 -12.31
CA THR A 113 -8.93 16.28 -11.40
C THR A 113 -7.99 16.59 -10.22
N ASP A 114 -7.68 17.87 -10.03
CA ASP A 114 -6.86 18.30 -8.90
C ASP A 114 -7.73 18.29 -7.64
N LYS A 115 -7.32 17.52 -6.63
CA LYS A 115 -8.12 17.36 -5.41
C LYS A 115 -8.17 18.61 -4.55
N SER A 116 -7.26 19.56 -4.79
CA SER A 116 -7.23 20.80 -4.02
C SER A 116 -8.34 21.75 -4.46
N THR A 117 -8.62 21.78 -5.75
CA THR A 117 -9.54 22.76 -6.31
C THR A 117 -10.72 22.13 -7.03
N GLY A 118 -10.56 20.87 -7.45
CA GLY A 118 -11.57 20.25 -8.27
C GLY A 118 -11.37 20.61 -9.73
N LYS A 119 -10.32 21.39 -10.00
CA LYS A 119 -9.98 21.75 -11.38
C LYS A 119 -9.71 20.49 -12.16
N ALA A 120 -10.14 20.48 -13.42
CA ALA A 120 -10.08 19.25 -14.20
C ALA A 120 -9.82 19.49 -15.67
N ASN A 121 -9.36 18.43 -16.34
CA ASN A 121 -9.30 18.39 -17.79
C ASN A 121 -9.60 16.97 -18.25
N LYS A 122 -9.91 16.80 -19.52
CA LYS A 122 -10.31 15.48 -20.00
C LYS A 122 -10.03 15.28 -21.47
N ILE A 123 -10.07 14.02 -21.90
CA ILE A 123 -10.01 13.70 -23.32
C ILE A 123 -11.04 12.61 -23.68
N THR A 124 -11.59 12.71 -24.88
CA THR A 124 -12.55 11.73 -25.38
C THR A 124 -11.92 10.93 -26.51
N ILE A 125 -12.02 9.61 -26.40
CA ILE A 125 -11.43 8.66 -27.32
C ILE A 125 -12.49 7.69 -27.84
N THR A 126 -12.50 7.45 -29.14
CA THR A 126 -13.52 6.63 -29.77
C THR A 126 -13.27 5.17 -29.43
N ASN A 127 -14.25 4.30 -29.73
CA ASN A 127 -14.10 2.88 -29.40
C ASN A 127 -13.07 2.16 -30.26
N ASP A 128 -12.73 0.94 -29.86
CA ASP A 128 -11.70 0.17 -30.55
C ASP A 128 -12.10 -0.23 -31.96
N LYS A 129 -13.39 -0.48 -32.15
CA LYS A 129 -13.91 -0.92 -33.44
C LYS A 129 -13.60 0.05 -34.58
N GLY A 130 -13.57 1.35 -34.30
CA GLY A 130 -13.31 2.33 -35.33
C GLY A 130 -11.85 2.76 -35.44
N ARG A 131 -10.99 2.13 -34.64
CA ARG A 131 -9.56 2.40 -34.70
C ARG A 131 -8.75 1.15 -35.02
N LEU A 132 -9.18 0.01 -34.50
CA LEU A 132 -8.44 -1.24 -34.63
C LEU A 132 -9.27 -2.38 -35.22
N SER A 133 -8.63 -3.26 -35.99
CA SER A 133 -9.27 -4.45 -36.50
C SER A 133 -9.13 -5.55 -35.44
N LYS A 134 -10.01 -6.54 -35.50
CA LYS A 134 -9.94 -7.66 -34.57
C LYS A 134 -8.58 -8.33 -34.69
N GLU A 135 -8.06 -8.34 -35.91
CA GLU A 135 -6.73 -8.86 -36.20
CA GLU A 135 -6.73 -8.87 -36.20
C GLU A 135 -5.67 -8.13 -35.38
N GLU A 136 -5.71 -6.80 -35.43
CA GLU A 136 -4.74 -5.98 -34.72
C GLU A 136 -4.78 -6.20 -33.21
N ILE A 137 -5.99 -6.22 -32.66
CA ILE A 137 -6.22 -6.45 -31.24
C ILE A 137 -5.67 -7.81 -30.79
N GLU A 138 -6.07 -8.86 -31.50
CA GLU A 138 -5.60 -10.19 -31.19
C GLU A 138 -4.08 -10.28 -31.30
N ARG A 139 -3.53 -9.59 -32.28
CA ARG A 139 -2.07 -9.51 -32.43
C ARG A 139 -1.41 -8.89 -31.21
N MET A 140 -1.97 -7.78 -30.74
CA MET A 140 -1.43 -7.10 -29.56
C MET A 140 -1.44 -8.02 -28.34
N VAL A 141 -2.58 -8.68 -28.13
CA VAL A 141 -2.70 -9.63 -27.02
C VAL A 141 -1.66 -10.75 -27.13
N GLN A 142 -1.55 -11.32 -28.32
CA GLN A 142 -0.57 -12.38 -28.60
C GLN A 142 0.86 -11.95 -28.28
N GLU A 143 1.26 -10.80 -28.80
CA GLU A 143 2.59 -10.28 -28.57
C GLU A 143 2.82 -10.09 -27.08
N ALA A 144 1.81 -9.58 -26.39
CA ALA A 144 1.91 -9.41 -24.95
C ALA A 144 2.15 -10.74 -24.21
N GLU A 145 1.40 -11.77 -24.58
CA GLU A 145 1.56 -13.08 -23.95
C GLU A 145 2.95 -13.65 -24.22
N LYS A 146 3.42 -13.44 -25.45
CA LYS A 146 4.71 -13.94 -25.89
C LYS A 146 5.91 -13.39 -25.08
N TYR A 147 5.78 -12.16 -24.61
CA TYR A 147 6.90 -11.48 -23.94
C TYR A 147 6.61 -11.12 -22.47
N LYS A 148 5.86 -11.98 -21.78
CA LYS A 148 5.41 -11.70 -20.41
C LYS A 148 6.53 -11.58 -19.38
N ALA A 149 7.47 -12.52 -19.40
CA ALA A 149 8.59 -12.51 -18.46
C ALA A 149 9.47 -11.27 -18.61
N GLU A 150 9.79 -10.94 -19.86
CA GLU A 150 10.61 -9.79 -20.19
C GLU A 150 9.95 -8.50 -19.68
N ASP A 151 8.66 -8.38 -20.00
CA ASP A 151 7.84 -7.26 -19.56
C ASP A 151 7.84 -7.13 -18.04
N GLU A 152 7.70 -8.25 -17.34
CA GLU A 152 7.74 -8.22 -15.88
C GLU A 152 9.10 -7.76 -15.35
N VAL A 153 10.18 -8.24 -15.98
CA VAL A 153 11.51 -7.75 -15.65
C VAL A 153 11.58 -6.22 -15.75
N GLN A 154 11.11 -5.68 -16.87
CA GLN A 154 11.10 -4.22 -17.05
CA GLN A 154 11.11 -4.21 -17.04
C GLN A 154 10.30 -3.50 -15.97
N ARG A 155 9.07 -3.95 -15.75
CA ARG A 155 8.18 -3.37 -14.75
C ARG A 155 8.85 -3.34 -13.37
N GLU A 156 9.42 -4.48 -12.98
CA GLU A 156 10.08 -4.58 -11.68
C GLU A 156 11.29 -3.65 -11.59
N ARG A 157 12.02 -3.53 -12.69
CA ARG A 157 13.15 -2.60 -12.76
CA ARG A 157 13.14 -2.60 -12.74
C ARG A 157 12.69 -1.19 -12.41
N VAL A 158 11.70 -0.70 -13.17
CA VAL A 158 11.18 0.64 -12.91
C VAL A 158 10.65 0.80 -11.48
N SER A 159 9.95 -0.22 -11.00
CA SER A 159 9.39 -0.21 -9.65
C SER A 159 10.49 -0.03 -8.60
N ALA A 160 11.57 -0.77 -8.76
CA ALA A 160 12.72 -0.65 -7.86
C ALA A 160 13.35 0.75 -7.93
N LYS A 161 13.48 1.28 -9.14
CA LYS A 161 14.02 2.64 -9.27
C LYS A 161 13.18 3.67 -8.51
N ASN A 162 11.87 3.65 -8.79
CA ASN A 162 10.94 4.59 -8.15
C ASN A 162 10.93 4.43 -6.63
N ALA A 163 11.01 3.18 -6.17
CA ALA A 163 11.05 2.91 -4.74
C ALA A 163 12.31 3.50 -4.10
N LEU A 164 13.47 3.31 -4.74
CA LEU A 164 14.71 3.89 -4.22
C LEU A 164 14.65 5.41 -4.16
N GLU A 165 14.24 6.02 -5.26
CA GLU A 165 14.19 7.49 -5.34
C GLU A 165 13.24 8.06 -4.28
N SER A 166 12.03 7.51 -4.23
CA SER A 166 11.05 7.91 -3.23
C SER A 166 11.58 7.74 -1.80
N TYR A 167 12.27 6.64 -1.54
CA TYR A 167 12.87 6.42 -0.22
C TYR A 167 13.91 7.49 0.14
N ALA A 168 14.75 7.85 -0.83
CA ALA A 168 15.75 8.90 -0.59
C ALA A 168 15.08 10.25 -0.29
N PHE A 169 14.13 10.63 -1.13
CA PHE A 169 13.40 11.89 -0.95
C PHE A 169 12.68 11.93 0.40
N ASN A 170 12.04 10.82 0.75
CA ASN A 170 11.29 10.72 2.00
C ASN A 170 12.16 10.74 3.23
N MET A 171 13.34 10.13 3.14
CA MET A 171 14.29 10.17 4.26
C MET A 171 14.77 11.61 4.47
N LYS A 172 15.22 12.24 3.38
CA LYS A 172 15.65 13.64 3.44
C LYS A 172 14.57 14.53 4.05
N SER A 173 13.34 14.40 3.53
CA SER A 173 12.19 15.14 4.04
CA SER A 173 12.19 15.13 4.03
C SER A 173 11.99 14.89 5.52
N ALA A 174 12.06 13.62 5.91
CA ALA A 174 11.84 13.23 7.31
C ALA A 174 12.83 13.90 8.24
N VAL A 175 14.12 13.85 7.89
CA VAL A 175 15.10 14.44 8.79
C VAL A 175 15.15 15.97 8.71
N GLU A 176 14.59 16.55 7.65
CA GLU A 176 14.53 18.01 7.58
C GLU A 176 13.25 18.59 8.19
N ASP A 177 12.27 17.73 8.45
CA ASP A 177 11.00 18.15 9.05
C ASP A 177 11.24 18.79 10.42
N GLU A 178 10.60 19.94 10.66
CA GLU A 178 10.73 20.64 11.93
C GLU A 178 10.24 19.78 13.10
N GLY A 179 9.32 18.86 12.82
CA GLY A 179 8.83 17.94 13.83
C GLY A 179 9.87 17.00 14.40
N LEU A 180 10.93 16.73 13.63
CA LEU A 180 12.00 15.86 14.10
C LEU A 180 13.22 16.62 14.64
N LYS A 181 13.14 17.94 14.66
CA LYS A 181 14.18 18.77 15.28
C LYS A 181 14.32 18.41 16.76
N GLY A 182 15.52 17.99 17.15
CA GLY A 182 15.79 17.62 18.53
C GLY A 182 15.46 16.18 18.85
N LYS A 183 14.82 15.50 17.92
CA LYS A 183 14.51 14.09 18.10
C LYS A 183 15.71 13.36 17.54
N ILE A 184 16.24 13.90 16.45
CA ILE A 184 17.45 13.39 15.82
C ILE A 184 18.61 14.34 16.11
N SER A 185 19.77 13.78 16.44
CA SER A 185 20.97 14.58 16.64
C SER A 185 21.42 15.18 15.31
N GLU A 186 22.12 16.32 15.36
CA GLU A 186 22.65 16.94 14.15
C GLU A 186 23.60 16.02 13.40
N ALA A 187 24.36 15.21 14.14
CA ALA A 187 25.29 14.26 13.55
C ALA A 187 24.58 13.20 12.73
N ASP A 188 23.54 12.59 13.31
CA ASP A 188 22.75 11.58 12.63
C ASP A 188 22.05 12.17 11.42
N LYS A 189 21.53 13.38 11.59
CA LYS A 189 20.91 14.12 10.49
C LYS A 189 21.89 14.27 9.34
N LYS A 190 23.12 14.62 9.68
CA LYS A 190 24.18 14.77 8.69
C LYS A 190 24.49 13.45 7.98
N LYS A 191 24.57 12.36 8.74
CA LYS A 191 24.76 11.03 8.18
C LYS A 191 23.68 10.73 7.13
N VAL A 192 22.43 10.92 7.54
CA VAL A 192 21.29 10.67 6.69
C VAL A 192 21.33 11.50 5.41
N LEU A 193 21.53 12.80 5.57
CA LEU A 193 21.55 13.72 4.43
C LEU A 193 22.69 13.45 3.45
N ASP A 194 23.85 13.14 4.00
CA ASP A 194 25.02 12.80 3.18
C ASP A 194 24.76 11.54 2.36
N LYS A 195 24.27 10.49 3.02
CA LYS A 195 23.99 9.23 2.34
C LYS A 195 22.92 9.42 1.26
N CYS A 196 21.90 10.20 1.60
CA CYS A 196 20.82 10.51 0.67
C CYS A 196 21.35 11.24 -0.56
N GLN A 197 22.24 12.20 -0.36
CA GLN A 197 22.81 12.93 -1.49
C GLN A 197 23.64 12.00 -2.36
N GLU A 198 24.41 11.11 -1.73
CA GLU A 198 25.18 10.13 -2.48
C GLU A 198 24.28 9.24 -3.34
N VAL A 199 23.18 8.76 -2.75
CA VAL A 199 22.24 7.92 -3.46
C VAL A 199 21.59 8.67 -4.63
N ILE A 200 21.24 9.93 -4.41
CA ILE A 200 20.61 10.75 -5.43
C ILE A 200 21.55 10.99 -6.62
N SER A 201 22.81 11.31 -6.31
CA SER A 201 23.84 11.44 -7.35
C SER A 201 23.97 10.15 -8.15
N TRP A 202 24.03 9.04 -7.43
CA TRP A 202 24.09 7.71 -8.06
C TRP A 202 22.93 7.50 -9.03
N LEU A 203 21.72 7.81 -8.57
CA LEU A 203 20.51 7.69 -9.38
C LEU A 203 20.59 8.53 -10.64
N ASP A 204 20.98 9.78 -10.48
CA ASP A 204 21.07 10.69 -11.62
C ASP A 204 22.12 10.22 -12.62
N ALA A 205 23.16 9.54 -12.13
CA ALA A 205 24.22 9.08 -13.00
C ALA A 205 23.98 7.67 -13.57
N ASN A 206 22.97 6.98 -13.08
CA ASN A 206 22.72 5.59 -13.51
C ASN A 206 21.26 5.32 -13.87
N THR A 207 20.79 5.97 -14.94
CA THR A 207 19.40 5.89 -15.37
C THR A 207 18.97 4.51 -15.87
N LEU A 208 19.94 3.74 -16.36
CA LEU A 208 19.65 2.44 -16.96
C LEU A 208 20.03 1.27 -16.05
N ALA A 209 20.26 1.57 -14.78
CA ALA A 209 20.63 0.54 -13.81
C ALA A 209 19.55 -0.54 -13.71
N GLU A 210 19.94 -1.71 -13.23
CA GLU A 210 19.02 -2.84 -13.11
C GLU A 210 18.46 -2.98 -11.69
N LYS A 211 17.45 -3.83 -11.55
CA LYS A 211 16.73 -4.03 -10.29
C LYS A 211 17.65 -4.30 -9.10
N ASP A 212 18.57 -5.24 -9.25
CA ASP A 212 19.47 -5.61 -8.15
C ASP A 212 20.40 -4.46 -7.73
N GLU A 213 20.77 -3.61 -8.69
CA GLU A 213 21.56 -2.43 -8.38
C GLU A 213 20.79 -1.41 -7.54
N PHE A 214 19.57 -1.10 -7.98
CA PHE A 214 18.67 -0.22 -7.25
C PHE A 214 18.43 -0.73 -5.83
N GLU A 215 18.17 -2.03 -5.74
CA GLU A 215 17.91 -2.64 -4.44
CA GLU A 215 17.93 -2.71 -4.46
C GLU A 215 19.14 -2.65 -3.54
N HIS A 216 20.31 -2.92 -4.10
CA HIS A 216 21.56 -2.87 -3.34
C HIS A 216 21.75 -1.47 -2.78
N LYS A 217 21.50 -0.47 -3.63
CA LYS A 217 21.64 0.91 -3.20
C LYS A 217 20.66 1.28 -2.07
N ARG A 218 19.40 0.86 -2.23
CA ARG A 218 18.39 1.10 -1.20
C ARG A 218 18.79 0.45 0.12
N LYS A 219 19.31 -0.77 0.06
CA LYS A 219 19.80 -1.44 1.26
C LYS A 219 20.97 -0.70 1.89
N GLU A 220 21.87 -0.17 1.06
CA GLU A 220 22.94 0.69 1.57
C GLU A 220 22.39 1.88 2.34
N LEU A 221 21.40 2.55 1.76
CA LEU A 221 20.80 3.71 2.42
C LEU A 221 20.13 3.32 3.74
N GLU A 222 19.39 2.21 3.70
CA GLU A 222 18.74 1.64 4.87
C GLU A 222 19.71 1.31 6.00
N GLN A 223 20.90 0.83 5.66
CA GLN A 223 21.88 0.49 6.69
C GLN A 223 22.21 1.72 7.55
N VAL A 224 22.29 2.88 6.89
CA VAL A 224 22.47 4.14 7.61
C VAL A 224 21.20 4.61 8.33
N CYS A 225 20.07 4.57 7.62
CA CYS A 225 18.86 5.23 8.13
C CYS A 225 18.04 4.46 9.17
N ASN A 226 17.89 3.15 8.97
CA ASN A 226 17.04 2.33 9.83
C ASN A 226 17.33 2.40 11.35
N PRO A 227 18.61 2.24 11.74
CA PRO A 227 18.90 2.34 13.18
C PRO A 227 18.58 3.71 13.75
N ILE A 228 18.76 4.76 12.96
CA ILE A 228 18.48 6.12 13.41
C ILE A 228 16.98 6.36 13.62
N ILE A 229 16.17 5.97 12.64
CA ILE A 229 14.71 6.10 12.77
C ILE A 229 14.17 5.17 13.85
N SER A 230 14.70 3.95 13.90
CA SER A 230 14.30 2.98 14.92
C SER A 230 14.56 3.51 16.33
N GLY A 231 15.65 4.27 16.48
CA GLY A 231 16.03 4.83 17.77
C GLY A 231 15.01 5.82 18.32
N LEU A 232 14.22 6.41 17.43
CA LEU A 232 13.17 7.35 17.84
C LEU A 232 12.03 6.64 18.59
N TYR A 233 11.91 5.34 18.36
CA TYR A 233 10.80 4.54 18.88
C TYR A 233 11.20 3.53 19.95
N GLN A 234 12.38 3.70 20.55
CA GLN A 234 12.87 2.72 21.53
C GLN A 234 12.14 2.79 22.86
N GLY A 235 12.12 1.66 23.56
CA GLY A 235 11.45 1.54 24.84
C GLY A 235 12.23 2.16 25.99
N ASP B 17 -24.28 5.32 33.00
CA ASP B 17 -24.54 4.86 31.64
C ASP B 17 -23.43 3.94 31.15
N VAL B 18 -23.70 3.21 30.07
CA VAL B 18 -22.72 2.27 29.49
C VAL B 18 -22.55 2.48 28.00
N ALA B 19 -21.53 1.84 27.43
CA ALA B 19 -21.36 1.84 25.99
C ALA B 19 -22.22 0.71 25.44
N PRO B 20 -23.25 1.06 24.66
CA PRO B 20 -24.22 0.10 24.14
C PRO B 20 -23.58 -0.90 23.18
N LEU B 21 -22.48 -0.51 22.55
CA LEU B 21 -21.78 -1.39 21.62
C LEU B 21 -20.27 -1.32 21.82
N SER B 22 -19.58 -2.42 21.52
CA SER B 22 -18.13 -2.41 21.56
C SER B 22 -17.60 -1.43 20.51
N LEU B 23 -16.52 -0.74 20.85
CA LEU B 23 -15.91 0.24 19.97
C LEU B 23 -14.45 -0.11 19.71
N GLY B 24 -14.01 0.04 18.47
CA GLY B 24 -12.63 -0.25 18.16
C GLY B 24 -12.20 0.26 16.81
N LEU B 25 -11.11 -0.30 16.30
CA LEU B 25 -10.60 0.11 15.00
C LEU B 25 -10.17 -1.07 14.17
N GLU B 26 -10.07 -0.87 12.86
CA GLU B 26 -9.66 -1.94 11.97
C GLU B 26 -8.15 -2.18 12.00
N THR B 27 -7.76 -3.41 12.26
CA THR B 27 -6.37 -3.81 12.13
C THR B 27 -6.21 -4.72 10.92
N ALA B 28 -4.96 -4.95 10.51
CA ALA B 28 -4.64 -5.64 9.27
C ALA B 28 -5.41 -6.94 9.05
N GLY B 29 -6.00 -7.07 7.87
CA GLY B 29 -6.83 -8.22 7.53
C GLY B 29 -8.30 -7.90 7.68
N GLY B 30 -8.60 -6.66 8.05
CA GLY B 30 -9.98 -6.25 8.23
C GLY B 30 -10.53 -6.72 9.56
N VAL B 31 -9.65 -6.85 10.55
CA VAL B 31 -10.06 -7.35 11.86
C VAL B 31 -10.59 -6.23 12.76
N MET B 32 -11.72 -6.49 13.42
CA MET B 32 -12.23 -5.56 14.42
C MET B 32 -11.45 -5.69 15.71
N THR B 33 -10.64 -4.69 16.03
CA THR B 33 -9.90 -4.71 17.30
C THR B 33 -10.53 -3.70 18.25
N ALA B 34 -11.26 -4.22 19.23
CA ALA B 34 -12.03 -3.40 20.16
C ALA B 34 -11.18 -2.88 21.31
N LEU B 35 -11.31 -1.58 21.59
CA LEU B 35 -10.64 -0.99 22.75
C LEU B 35 -11.61 -0.79 23.92
N ILE B 36 -12.88 -0.57 23.62
CA ILE B 36 -13.90 -0.48 24.66
C ILE B 36 -14.99 -1.52 24.42
N LYS B 37 -15.17 -2.42 25.39
CA LYS B 37 -16.13 -3.51 25.26
C LYS B 37 -17.56 -3.07 25.52
N ARG B 38 -18.51 -3.70 24.83
CA ARG B 38 -19.94 -3.50 25.06
C ARG B 38 -20.33 -3.58 26.54
N ASN B 39 -21.19 -2.66 26.97
CA ASN B 39 -21.70 -2.60 28.34
C ASN B 39 -20.67 -2.25 29.43
N SER B 40 -19.48 -1.84 29.01
CA SER B 40 -18.50 -1.28 29.95
C SER B 40 -19.04 0.06 30.45
N THR B 41 -18.78 0.37 31.72
CA THR B 41 -19.23 1.63 32.29
C THR B 41 -18.51 2.83 31.67
N ILE B 42 -19.24 3.93 31.53
CA ILE B 42 -18.68 5.20 31.04
C ILE B 42 -18.93 6.30 32.09
N PRO B 43 -18.08 7.35 32.10
CA PRO B 43 -16.97 7.65 31.19
C PRO B 43 -15.82 6.66 31.36
N THR B 44 -15.06 6.45 30.28
CA THR B 44 -13.97 5.49 30.30
C THR B 44 -12.90 5.89 29.29
N LYS B 45 -11.69 5.37 29.49
CA LYS B 45 -10.59 5.59 28.55
C LYS B 45 -9.74 4.35 28.40
N GLN B 46 -9.51 3.95 27.16
CA GLN B 46 -8.63 2.81 26.89
C GLN B 46 -7.57 3.17 25.86
N THR B 47 -6.35 2.70 26.10
CA THR B 47 -5.23 3.01 25.23
C THR B 47 -4.54 1.72 24.79
N GLN B 48 -4.19 1.66 23.50
CA GLN B 48 -3.43 0.54 22.97
C GLN B 48 -2.42 1.03 21.95
N ILE B 49 -1.26 0.38 21.90
CA ILE B 49 -0.20 0.78 20.99
C ILE B 49 -0.13 -0.10 19.77
N PHE B 50 -0.08 0.51 18.59
CA PHE B 50 -0.10 -0.22 17.34
C PHE B 50 1.14 0.10 16.52
N THR B 51 1.34 -0.62 15.43
CA THR B 51 2.46 -0.36 14.55
C THR B 51 2.08 -0.45 13.08
N THR B 52 3.05 -0.28 12.20
CA THR B 52 2.80 -0.22 10.76
C THR B 52 2.73 -1.59 10.12
N TYR B 53 1.93 -1.72 9.06
CA TYR B 53 1.76 -2.97 8.33
C TYR B 53 2.82 -3.17 7.23
N SER B 54 3.23 -2.08 6.59
CA SER B 54 4.19 -2.17 5.49
C SER B 54 5.43 -1.32 5.72
N ASP B 55 6.51 -1.64 5.00
CA ASP B 55 7.76 -0.90 5.10
C ASP B 55 7.62 0.55 4.67
N ASN B 56 8.23 1.46 5.43
CA ASN B 56 8.25 2.88 5.09
C ASN B 56 6.86 3.49 5.00
N GLN B 57 5.91 2.89 5.74
CA GLN B 57 4.55 3.38 5.78
C GLN B 57 4.52 4.80 6.36
N PRO B 58 4.02 5.75 5.56
CA PRO B 58 4.07 7.19 5.84
C PRO B 58 3.04 7.63 6.88
N GLY B 59 2.02 6.81 7.08
CA GLY B 59 1.01 7.12 8.08
C GLY B 59 0.18 5.90 8.41
N VAL B 60 -0.71 6.05 9.39
CA VAL B 60 -1.68 4.99 9.67
C VAL B 60 -3.09 5.50 9.47
N LEU B 61 -3.95 4.66 8.90
CA LEU B 61 -5.36 5.00 8.75
C LEU B 61 -6.16 4.41 9.90
N ILE B 62 -6.66 5.30 10.76
CA ILE B 62 -7.50 4.89 11.88
C ILE B 62 -8.94 4.82 11.41
N GLN B 63 -9.47 3.60 11.38
CA GLN B 63 -10.83 3.34 10.96
C GLN B 63 -11.67 2.85 12.14
N VAL B 64 -12.49 3.75 12.65
CA VAL B 64 -13.28 3.56 13.86
C VAL B 64 -14.63 2.93 13.56
N TYR B 65 -14.81 1.75 14.17
CA TYR B 65 -16.01 0.92 14.02
C TYR B 65 -16.68 0.62 15.35
N GLU B 66 -17.98 0.30 15.27
CA GLU B 66 -18.77 -0.12 16.41
C GLU B 66 -19.48 -1.44 16.09
N GLY B 67 -19.52 -2.34 17.06
CA GLY B 67 -20.17 -3.63 16.86
C GLY B 67 -19.46 -4.78 17.53
N GLU B 68 -20.06 -5.96 17.45
CA GLU B 68 -19.59 -7.13 18.19
C GLU B 68 -18.99 -8.21 17.31
N ARG B 69 -19.03 -8.00 15.99
CA ARG B 69 -18.52 -9.00 15.06
C ARG B 69 -17.00 -8.97 14.99
N ALA B 70 -16.41 -10.07 14.53
CA ALA B 70 -14.95 -10.20 14.51
C ALA B 70 -14.33 -9.36 13.40
N MET B 71 -15.05 -9.25 12.28
CA MET B 71 -14.55 -8.52 11.13
C MET B 71 -15.29 -7.19 10.97
N THR B 72 -14.55 -6.16 10.57
CA THR B 72 -15.11 -4.81 10.47
C THR B 72 -16.19 -4.69 9.39
N LYS B 73 -16.09 -5.52 8.36
CA LYS B 73 -17.08 -5.54 7.28
C LYS B 73 -18.46 -5.88 7.80
N ASP B 74 -18.50 -6.55 8.96
CA ASP B 74 -19.76 -6.95 9.57
C ASP B 74 -20.16 -6.02 10.72
N ASN B 75 -19.39 -4.95 10.90
CA ASN B 75 -19.71 -3.95 11.92
C ASN B 75 -20.04 -2.61 11.27
N ASN B 76 -20.29 -1.59 12.09
CA ASN B 76 -20.67 -0.29 11.58
CA ASN B 76 -20.67 -0.28 11.56
C ASN B 76 -19.55 0.75 11.66
N LEU B 77 -19.21 1.33 10.52
CA LEU B 77 -18.15 2.33 10.45
C LEU B 77 -18.61 3.65 11.04
N LEU B 78 -17.86 4.15 12.02
CA LEU B 78 -18.21 5.41 12.67
C LEU B 78 -17.37 6.54 12.09
N GLY B 79 -16.16 6.22 11.64
CA GLY B 79 -15.35 7.29 11.06
C GLY B 79 -13.93 6.92 10.69
N ARG B 80 -13.24 7.82 10.00
CA ARG B 80 -11.86 7.57 9.58
C ARG B 80 -11.03 8.83 9.72
N PHE B 81 -9.77 8.66 10.14
CA PHE B 81 -8.81 9.75 10.03
C PHE B 81 -7.40 9.19 9.87
N GLU B 82 -6.53 9.97 9.24
CA GLU B 82 -5.16 9.52 9.02
C GLU B 82 -4.20 10.23 9.94
N LEU B 83 -3.25 9.49 10.50
CA LEU B 83 -2.15 10.10 11.22
C LEU B 83 -0.92 9.96 10.33
N SER B 84 -0.46 11.09 9.80
CA SER B 84 0.62 11.10 8.82
C SER B 84 1.93 11.60 9.43
N GLY B 85 2.96 11.68 8.59
CA GLY B 85 4.24 12.20 9.01
C GLY B 85 5.13 11.19 9.70
N ILE B 86 4.78 9.91 9.60
CA ILE B 86 5.61 8.86 10.17
C ILE B 86 6.88 8.71 9.34
N PRO B 87 8.04 8.79 9.99
CA PRO B 87 9.32 8.65 9.27
C PRO B 87 9.50 7.25 8.71
N PRO B 88 10.21 7.14 7.57
CA PRO B 88 10.42 5.85 6.91
C PRO B 88 11.15 4.86 7.82
N ALA B 89 10.53 3.70 8.01
CA ALA B 89 11.06 2.67 8.90
C ALA B 89 10.49 1.32 8.48
N PRO B 90 11.20 0.23 8.82
CA PRO B 90 10.70 -1.11 8.49
C PRO B 90 9.35 -1.37 9.14
N ARG B 91 8.55 -2.25 8.53
CA ARG B 91 7.28 -2.66 9.09
C ARG B 91 7.43 -3.10 10.55
N GLY B 92 6.52 -2.66 11.40
CA GLY B 92 6.53 -3.08 12.80
C GLY B 92 7.38 -2.23 13.73
N VAL B 93 8.13 -1.28 13.17
CA VAL B 93 9.00 -0.42 13.98
C VAL B 93 8.31 0.81 14.61
N PRO B 94 7.62 1.62 13.79
CA PRO B 94 6.97 2.79 14.41
C PRO B 94 5.95 2.38 15.46
N GLN B 95 5.85 3.18 16.53
CA GLN B 95 4.89 2.91 17.60
C GLN B 95 3.86 4.02 17.66
N ILE B 96 2.59 3.64 17.52
CA ILE B 96 1.50 4.61 17.48
C ILE B 96 0.52 4.43 18.64
N GLU B 97 0.39 5.45 19.47
CA GLU B 97 -0.51 5.38 20.62
C GLU B 97 -1.94 5.73 20.22
N VAL B 98 -2.85 4.77 20.36
CA VAL B 98 -4.25 4.99 20.02
C VAL B 98 -5.12 4.96 21.27
N THR B 99 -5.93 6.00 21.45
CA THR B 99 -6.76 6.15 22.64
C THR B 99 -8.22 6.36 22.29
N PHE B 100 -9.08 5.55 22.90
CA PHE B 100 -10.52 5.70 22.82
C PHE B 100 -11.02 6.28 24.13
N ASP B 101 -11.64 7.44 24.05
CA ASP B 101 -12.11 8.13 25.25
C ASP B 101 -13.58 8.46 25.16
N ILE B 102 -14.37 7.94 26.09
CA ILE B 102 -15.78 8.28 26.14
C ILE B 102 -15.99 9.13 27.39
N ASP B 103 -16.54 10.32 27.19
CA ASP B 103 -16.72 11.27 28.28
C ASP B 103 -18.00 11.03 29.08
N ALA B 104 -18.29 11.92 30.01
CA ALA B 104 -19.45 11.75 30.89
C ALA B 104 -20.76 11.89 30.12
N ASN B 105 -20.69 12.51 28.95
CA ASN B 105 -21.87 12.66 28.10
C ASN B 105 -21.96 11.66 26.96
N GLY B 106 -21.08 10.66 26.98
CA GLY B 106 -21.12 9.59 26.00
C GLY B 106 -20.51 9.90 24.64
N ILE B 107 -19.85 11.05 24.53
CA ILE B 107 -19.19 11.43 23.28
C ILE B 107 -17.83 10.73 23.14
N LEU B 108 -17.57 10.16 21.98
CA LEU B 108 -16.34 9.41 21.77
C LEU B 108 -15.29 10.25 21.07
N ASN B 109 -14.10 10.35 21.66
CA ASN B 109 -12.94 10.93 20.99
C ASN B 109 -11.84 9.89 20.80
N VAL B 110 -11.43 9.69 19.55
CA VAL B 110 -10.34 8.76 19.26
C VAL B 110 -9.10 9.51 18.80
N THR B 111 -7.99 9.30 19.50
CA THR B 111 -6.75 10.03 19.22
C THR B 111 -5.63 9.06 18.84
N ALA B 112 -4.85 9.42 17.84
CA ALA B 112 -3.65 8.67 17.48
C ALA B 112 -2.42 9.56 17.54
N THR B 113 -1.37 9.07 18.17
CA THR B 113 -0.17 9.86 18.44
C THR B 113 1.11 9.13 18.01
N ASP B 114 1.90 9.78 17.17
CA ASP B 114 3.19 9.24 16.74
C ASP B 114 4.21 9.43 17.86
N LYS B 115 4.78 8.34 18.34
CA LYS B 115 5.70 8.42 19.48
C LYS B 115 7.05 9.04 19.12
N SER B 116 7.35 9.12 17.84
CA SER B 116 8.61 9.72 17.38
C SER B 116 8.60 11.24 17.47
N THR B 117 7.44 11.83 17.20
CA THR B 117 7.34 13.27 17.07
C THR B 117 6.39 13.88 18.10
N GLY B 118 5.49 13.05 18.62
CA GLY B 118 4.43 13.54 19.51
C GLY B 118 3.30 14.12 18.70
N LYS B 119 3.46 14.08 17.37
CA LYS B 119 2.42 14.50 16.44
C LYS B 119 1.18 13.65 16.63
N ALA B 120 0.02 14.26 16.49
CA ALA B 120 -1.22 13.56 16.77
C ALA B 120 -2.33 13.98 15.83
N ASN B 121 -3.35 13.15 15.72
CA ASN B 121 -4.58 13.52 15.06
C ASN B 121 -5.72 12.85 15.78
N LYS B 122 -6.93 13.32 15.56
CA LYS B 122 -8.06 12.79 16.31
C LYS B 122 -9.37 12.93 15.55
N ILE B 123 -10.37 12.19 15.99
CA ILE B 123 -11.72 12.38 15.48
C ILE B 123 -12.70 12.36 16.64
N THR B 124 -13.74 13.18 16.51
CA THR B 124 -14.79 13.25 17.51
C THR B 124 -16.07 12.68 16.90
N ILE B 125 -16.69 11.75 17.61
CA ILE B 125 -17.92 11.13 17.14
C ILE B 125 -18.98 11.29 18.22
N THR B 126 -20.08 11.93 17.79
CA THR B 126 -21.20 12.26 18.67
C THR B 126 -22.17 11.11 18.84
N ASN B 127 -23.06 11.21 19.82
CA ASN B 127 -24.08 10.19 20.05
C ASN B 127 -25.20 10.24 19.02
N LEU B 132 -28.50 5.69 17.87
CA LEU B 132 -28.73 4.29 17.56
C LEU B 132 -30.05 3.85 18.21
N SER B 133 -30.80 2.99 17.54
CA SER B 133 -32.03 2.45 18.11
C SER B 133 -31.72 1.21 18.93
N LYS B 134 -32.55 0.92 19.94
CA LYS B 134 -32.39 -0.28 20.75
C LYS B 134 -32.53 -1.53 19.89
N GLU B 135 -33.40 -1.43 18.88
CA GLU B 135 -33.69 -2.52 17.96
C GLU B 135 -32.48 -2.94 17.13
N GLU B 136 -31.83 -1.97 16.49
CA GLU B 136 -30.65 -2.22 15.67
C GLU B 136 -29.53 -2.82 16.53
N ILE B 137 -29.34 -2.26 17.72
CA ILE B 137 -28.35 -2.75 18.67
C ILE B 137 -28.61 -4.21 19.05
N GLU B 138 -29.83 -4.50 19.45
CA GLU B 138 -30.23 -5.86 19.82
C GLU B 138 -30.02 -6.82 18.65
N ARG B 139 -30.31 -6.33 17.46
CA ARG B 139 -30.09 -7.07 16.23
C ARG B 139 -28.62 -7.43 16.08
N MET B 140 -27.75 -6.44 16.29
CA MET B 140 -26.30 -6.64 16.20
C MET B 140 -25.77 -7.65 17.21
N VAL B 141 -26.20 -7.51 18.46
CA VAL B 141 -25.81 -8.43 19.52
C VAL B 141 -26.25 -9.85 19.18
N GLN B 142 -27.51 -9.98 18.76
CA GLN B 142 -28.06 -11.26 18.35
C GLN B 142 -27.25 -11.90 17.21
N GLU B 143 -27.00 -11.14 16.15
CA GLU B 143 -26.23 -11.61 15.00
C GLU B 143 -24.84 -12.07 15.41
N ALA B 144 -24.18 -11.28 16.25
CA ALA B 144 -22.86 -11.60 16.73
C ALA B 144 -22.85 -12.90 17.52
N GLU B 145 -23.83 -13.06 18.40
CA GLU B 145 -23.93 -14.26 19.23
C GLU B 145 -24.20 -15.48 18.35
N LYS B 146 -25.04 -15.29 17.33
CA LYS B 146 -25.43 -16.35 16.40
C LYS B 146 -24.25 -16.91 15.61
N TYR B 147 -23.30 -16.04 15.26
CA TYR B 147 -22.17 -16.41 14.41
C TYR B 147 -20.82 -16.28 15.10
N LYS B 148 -20.78 -16.50 16.41
CA LYS B 148 -19.54 -16.30 17.17
C LYS B 148 -18.41 -17.27 16.81
N ALA B 149 -18.76 -18.55 16.67
CA ALA B 149 -17.76 -19.55 16.30
C ALA B 149 -17.17 -19.30 14.92
N GLU B 150 -18.04 -19.01 13.96
CA GLU B 150 -17.63 -18.73 12.60
C GLU B 150 -16.69 -17.51 12.57
N ASP B 151 -17.12 -16.45 13.27
CA ASP B 151 -16.33 -15.25 13.42
C ASP B 151 -14.95 -15.54 14.00
N GLU B 152 -14.90 -16.40 15.02
CA GLU B 152 -13.63 -16.79 15.61
C GLU B 152 -12.72 -17.54 14.62
N VAL B 153 -13.31 -18.47 13.87
CA VAL B 153 -12.58 -19.15 12.79
C VAL B 153 -11.94 -18.12 11.86
N GLN B 154 -12.74 -17.15 11.42
CA GLN B 154 -12.25 -16.09 10.55
CA GLN B 154 -12.24 -16.10 10.54
C GLN B 154 -11.07 -15.33 11.16
N ARG B 155 -11.27 -14.87 12.40
CA ARG B 155 -10.25 -14.13 13.13
C ARG B 155 -8.93 -14.90 13.20
N GLU B 156 -9.01 -16.17 13.58
CA GLU B 156 -7.82 -17.00 13.71
C GLU B 156 -7.12 -17.22 12.36
N ARG B 157 -7.92 -17.41 11.31
CA ARG B 157 -7.37 -17.55 9.96
C ARG B 157 -6.56 -16.31 9.58
N VAL B 158 -7.20 -15.15 9.73
CA VAL B 158 -6.53 -13.88 9.41
C VAL B 158 -5.26 -13.71 10.24
N SER B 159 -5.32 -14.07 11.52
CA SER B 159 -4.15 -13.98 12.40
C SER B 159 -2.99 -14.83 11.89
N ALA B 160 -3.29 -16.06 11.49
CA ALA B 160 -2.26 -16.94 10.95
C ALA B 160 -1.66 -16.37 9.67
N LYS B 161 -2.52 -15.83 8.81
CA LYS B 161 -2.06 -15.20 7.58
C LYS B 161 -1.08 -14.05 7.89
N ASN B 162 -1.49 -13.17 8.80
CA ASN B 162 -0.66 -12.04 9.20
C ASN B 162 0.69 -12.48 9.77
N ALA B 163 0.69 -13.54 10.57
CA ALA B 163 1.92 -14.05 11.13
C ALA B 163 2.86 -14.55 10.03
N LEU B 164 2.31 -15.32 9.10
CA LEU B 164 3.10 -15.83 7.98
C LEU B 164 3.71 -14.69 7.15
N GLU B 165 2.87 -13.71 6.81
CA GLU B 165 3.29 -12.58 6.00
C GLU B 165 4.41 -11.80 6.68
N SER B 166 4.17 -11.46 7.94
CA SER B 166 5.16 -10.75 8.75
CA SER B 166 5.16 -10.74 8.73
C SER B 166 6.49 -11.48 8.74
N TYR B 167 6.44 -12.77 9.07
CA TYR B 167 7.67 -13.56 9.15
C TYR B 167 8.42 -13.61 7.81
N ALA B 168 7.67 -13.83 6.73
CA ALA B 168 8.30 -13.89 5.41
C ALA B 168 8.98 -12.58 5.01
N PHE B 169 8.25 -11.48 5.12
CA PHE B 169 8.83 -10.18 4.78
C PHE B 169 10.02 -9.79 5.67
N ASN B 170 9.90 -10.05 6.97
CA ASN B 170 11.00 -9.73 7.89
C ASN B 170 12.25 -10.59 7.65
N MET B 171 12.04 -11.86 7.29
CA MET B 171 13.17 -12.72 6.95
C MET B 171 13.86 -12.21 5.68
N LYS B 172 13.03 -11.92 4.68
CA LYS B 172 13.50 -11.36 3.41
C LYS B 172 14.37 -10.12 3.65
N SER B 173 13.85 -9.19 4.44
CA SER B 173 14.62 -7.99 4.79
C SER B 173 15.90 -8.34 5.54
N ALA B 174 15.80 -9.33 6.43
CA ALA B 174 16.93 -9.74 7.25
C ALA B 174 18.13 -10.23 6.46
N VAL B 175 17.90 -11.11 5.49
CA VAL B 175 19.04 -11.65 4.73
C VAL B 175 19.59 -10.68 3.68
N GLU B 176 18.81 -9.65 3.37
CA GLU B 176 19.22 -8.60 2.45
C GLU B 176 20.01 -7.49 3.14
N ASP B 177 20.09 -7.56 4.46
CA ASP B 177 20.79 -6.56 5.25
C ASP B 177 22.22 -6.41 4.73
N GLU B 178 22.62 -5.17 4.45
CA GLU B 178 23.95 -4.87 3.94
C GLU B 178 25.02 -5.23 4.97
N GLY B 179 24.62 -5.24 6.23
CA GLY B 179 25.49 -5.64 7.33
C GLY B 179 25.96 -7.08 7.23
N LEU B 180 25.24 -7.89 6.47
CA LEU B 180 25.58 -9.31 6.31
C LEU B 180 26.43 -9.57 5.08
N LYS B 181 26.81 -8.50 4.38
CA LYS B 181 27.74 -8.62 3.25
C LYS B 181 29.05 -9.25 3.70
N GLY B 182 29.39 -10.38 3.10
CA GLY B 182 30.62 -11.09 3.40
C GLY B 182 30.49 -11.99 4.62
N LYS B 183 29.37 -11.87 5.32
CA LYS B 183 29.09 -12.70 6.50
C LYS B 183 28.22 -13.91 6.15
N ILE B 184 27.25 -13.71 5.28
CA ILE B 184 26.39 -14.79 4.82
C ILE B 184 26.83 -15.18 3.41
N SER B 185 26.85 -16.48 3.13
CA SER B 185 27.21 -16.94 1.80
C SER B 185 26.13 -16.52 0.82
N GLU B 186 26.52 -16.32 -0.43
CA GLU B 186 25.57 -15.99 -1.47
C GLU B 186 24.56 -17.12 -1.64
N ALA B 187 25.04 -18.35 -1.45
CA ALA B 187 24.21 -19.55 -1.57
C ALA B 187 23.09 -19.64 -0.53
N ASP B 188 23.43 -19.46 0.75
CA ASP B 188 22.43 -19.51 1.81
C ASP B 188 21.43 -18.36 1.67
N LYS B 189 21.96 -17.18 1.35
CA LYS B 189 21.15 -16.00 1.10
C LYS B 189 20.14 -16.29 0.00
N LYS B 190 20.60 -16.91 -1.09
CA LYS B 190 19.70 -17.28 -2.16
C LYS B 190 18.67 -18.32 -1.73
N LYS B 191 19.08 -19.31 -0.93
CA LYS B 191 18.11 -20.27 -0.39
C LYS B 191 16.97 -19.55 0.32
N VAL B 192 17.35 -18.67 1.26
CA VAL B 192 16.37 -17.92 2.03
C VAL B 192 15.47 -17.08 1.14
N LEU B 193 16.07 -16.30 0.24
CA LEU B 193 15.31 -15.42 -0.66
C LEU B 193 14.35 -16.18 -1.58
N ASP B 194 14.80 -17.33 -2.08
CA ASP B 194 13.98 -18.19 -2.92
C ASP B 194 12.77 -18.66 -2.14
N LYS B 195 13.01 -19.17 -0.93
CA LYS B 195 11.90 -19.63 -0.12
C LYS B 195 10.91 -18.52 0.24
N CYS B 196 11.44 -17.34 0.58
CA CYS B 196 10.61 -16.18 0.90
C CYS B 196 9.73 -15.75 -0.28
N GLN B 197 10.34 -15.70 -1.47
CA GLN B 197 9.60 -15.32 -2.67
C GLN B 197 8.52 -16.36 -2.97
N GLU B 198 8.88 -17.62 -2.80
CA GLU B 198 7.94 -18.73 -2.98
C GLU B 198 6.73 -18.58 -2.06
N VAL B 199 7.00 -18.26 -0.79
CA VAL B 199 5.95 -18.05 0.20
C VAL B 199 5.07 -16.84 -0.15
N ILE B 200 5.71 -15.76 -0.59
CA ILE B 200 4.98 -14.54 -0.94
C ILE B 200 4.06 -14.75 -2.15
N SER B 201 4.58 -15.40 -3.18
CA SER B 201 3.76 -15.74 -4.34
CA SER B 201 3.78 -15.78 -4.36
C SER B 201 2.63 -16.68 -3.94
N TRP B 202 2.94 -17.63 -3.06
CA TRP B 202 1.93 -18.53 -2.52
C TRP B 202 0.79 -17.77 -1.85
N LEU B 203 1.15 -16.80 -1.02
CA LEU B 203 0.20 -15.95 -0.32
C LEU B 203 -0.68 -15.20 -1.31
N ASP B 204 -0.04 -14.62 -2.33
CA ASP B 204 -0.76 -13.87 -3.35
C ASP B 204 -1.72 -14.76 -4.14
N ALA B 205 -1.37 -16.04 -4.28
CA ALA B 205 -2.17 -16.98 -5.05
C ALA B 205 -3.22 -17.74 -4.24
N ASN B 206 -3.18 -17.60 -2.92
CA ASN B 206 -4.08 -18.36 -2.06
C ASN B 206 -4.75 -17.50 -0.99
N THR B 207 -5.53 -16.52 -1.44
CA THR B 207 -6.18 -15.57 -0.56
C THR B 207 -7.25 -16.21 0.32
N LEU B 208 -7.74 -17.37 -0.11
CA LEU B 208 -8.83 -18.04 0.60
C LEU B 208 -8.32 -19.25 1.38
N ALA B 209 -7.00 -19.33 1.55
CA ALA B 209 -6.38 -20.42 2.29
C ALA B 209 -6.87 -20.48 3.75
N GLU B 210 -6.73 -21.65 4.36
CA GLU B 210 -7.20 -21.86 5.73
C GLU B 210 -6.07 -21.75 6.74
N LYS B 211 -6.43 -21.70 8.02
CA LYS B 211 -5.46 -21.54 9.11
C LYS B 211 -4.30 -22.53 9.06
N ASP B 212 -4.62 -23.82 8.93
CA ASP B 212 -3.59 -24.85 8.93
C ASP B 212 -2.66 -24.74 7.72
N GLU B 213 -3.20 -24.26 6.61
CA GLU B 213 -2.37 -24.04 5.42
C GLU B 213 -1.33 -22.94 5.67
N PHE B 214 -1.78 -21.81 6.22
CA PHE B 214 -0.90 -20.72 6.60
C PHE B 214 0.17 -21.18 7.59
N GLU B 215 -0.26 -21.89 8.62
CA GLU B 215 0.66 -22.35 9.66
C GLU B 215 1.69 -23.34 9.10
N HIS B 216 1.24 -24.23 8.23
CA HIS B 216 2.14 -25.20 7.61
CA HIS B 216 2.11 -25.20 7.58
C HIS B 216 3.16 -24.51 6.71
N LYS B 217 2.72 -23.52 5.93
CA LYS B 217 3.64 -22.76 5.09
C LYS B 217 4.69 -22.04 5.93
N ARG B 218 4.23 -21.44 7.03
CA ARG B 218 5.16 -20.80 7.95
C ARG B 218 6.18 -21.80 8.48
N LYS B 219 5.71 -23.01 8.80
CA LYS B 219 6.61 -24.07 9.26
C LYS B 219 7.66 -24.46 8.22
N GLU B 220 7.25 -24.56 6.96
CA GLU B 220 8.20 -24.81 5.87
C GLU B 220 9.27 -23.73 5.83
N LEU B 221 8.80 -22.48 5.85
CA LEU B 221 9.72 -21.35 5.77
C LEU B 221 10.71 -21.32 6.93
N GLU B 222 10.20 -21.51 8.14
CA GLU B 222 11.03 -21.55 9.34
C GLU B 222 12.07 -22.66 9.25
N GLN B 223 11.61 -23.82 8.76
CA GLN B 223 12.51 -24.96 8.60
C GLN B 223 13.64 -24.68 7.62
N VAL B 224 13.36 -23.91 6.56
CA VAL B 224 14.45 -23.50 5.67
C VAL B 224 15.37 -22.45 6.30
N CYS B 225 14.79 -21.43 6.93
CA CYS B 225 15.53 -20.25 7.36
C CYS B 225 16.33 -20.38 8.65
N ASN B 226 15.76 -21.06 9.64
CA ASN B 226 16.37 -21.16 10.97
C ASN B 226 17.84 -21.61 11.04
N PRO B 227 18.20 -22.71 10.33
CA PRO B 227 19.61 -23.13 10.38
C PRO B 227 20.56 -22.08 9.81
N ILE B 228 20.10 -21.38 8.78
CA ILE B 228 20.89 -20.34 8.13
C ILE B 228 21.10 -19.13 9.05
N ILE B 229 20.03 -18.67 9.70
CA ILE B 229 20.13 -17.56 10.64
C ILE B 229 20.95 -17.96 11.87
N SER B 230 20.73 -19.18 12.35
CA SER B 230 21.50 -19.70 13.47
C SER B 230 22.99 -19.78 13.13
N GLY B 231 23.27 -20.11 11.87
CA GLY B 231 24.63 -20.21 11.39
C GLY B 231 25.36 -18.87 11.38
N LEU B 232 24.60 -17.80 11.36
CA LEU B 232 25.18 -16.46 11.41
C LEU B 232 25.79 -16.18 12.77
N TYR B 233 25.37 -16.93 13.79
CA TYR B 233 25.82 -16.69 15.15
C TYR B 233 26.76 -17.77 15.68
N GLN B 234 27.18 -18.67 14.79
CA GLN B 234 28.10 -19.74 15.17
C GLN B 234 29.53 -19.19 15.18
N GLY B 235 30.40 -19.81 15.97
CA GLY B 235 31.77 -19.35 16.07
C GLY B 235 32.58 -19.75 14.86
CA ASN C 1 2.25 3.24 -2.93
C ASN C 1 1.58 4.05 -4.03
N ARG C 2 1.50 5.36 -3.83
CA ARG C 2 0.91 6.24 -4.84
C ARG C 2 1.82 6.36 -6.05
N LEU C 3 1.29 6.06 -7.22
CA LEU C 3 2.07 6.12 -8.45
C LEU C 3 2.29 7.56 -8.91
N LEU C 4 3.32 7.76 -9.73
CA LEU C 4 3.83 9.09 -10.05
C LEU C 4 3.58 9.49 -11.51
N LEU C 5 3.25 10.76 -11.71
CA LEU C 5 3.03 11.29 -13.05
C LEU C 5 4.00 12.44 -13.32
N THR C 6 4.65 12.39 -14.49
CA THR C 6 5.52 13.46 -14.92
C THR C 6 4.72 14.60 -15.55
N GLY C 7 5.37 15.75 -15.75
CA GLY C 7 4.68 16.93 -16.25
C GLY C 7 4.89 17.16 -17.73
C ASN D 1 1.55 -7.55 19.44
N ARG D 2 2.34 -6.61 18.93
CA ARG D 2 1.82 -5.32 18.52
C ARG D 2 1.00 -5.49 17.23
N LEU D 3 -0.26 -5.08 17.27
CA LEU D 3 -1.14 -5.22 16.10
C LEU D 3 -0.84 -4.20 15.01
N LEU D 4 -1.32 -4.48 13.80
CA LEU D 4 -0.87 -3.77 12.61
C LEU D 4 -1.95 -2.86 12.04
N LEU D 5 -1.53 -1.67 11.60
CA LEU D 5 -2.43 -0.72 10.97
C LEU D 5 -1.95 -0.37 9.58
N THR D 6 -2.86 -0.40 8.61
CA THR D 6 -2.54 0.04 7.26
C THR D 6 -2.61 1.55 7.20
N GLY D 7 -2.11 2.14 6.12
CA GLY D 7 -2.05 3.59 6.01
C GLY D 7 -1.13 4.07 4.91
S SO4 E . 3.96 11.10 -30.69
O1 SO4 E . 3.27 12.35 -30.38
O2 SO4 E . 3.06 10.24 -31.45
O3 SO4 E . 5.15 11.39 -31.48
O4 SO4 E . 4.35 10.43 -29.45
P PO4 F . 5.61 -3.62 -7.44
O1 PO4 F . 5.88 -3.66 -5.96
O2 PO4 F . 4.33 -4.38 -7.73
O3 PO4 F . 5.46 -2.19 -7.88
O4 PO4 F . 6.76 -4.25 -8.19
S SO4 G . 12.63 -5.46 0.74
O1 SO4 G . 11.66 -6.51 0.98
O2 SO4 G . 13.42 -5.78 -0.44
O3 SO4 G . 11.94 -4.19 0.54
O4 SO4 G . 13.51 -5.36 1.90
#